data_3R1D
#
_entry.id   3R1D
#
_cell.length_a   118.565
_cell.length_b   28.612
_cell.length_c   61.833
_cell.angle_alpha   90.00
_cell.angle_beta   117.98
_cell.angle_gamma   90.00
#
_symmetry.space_group_name_H-M   'C 1 2 1'
#
loop_
_entity.id
_entity.type
_entity.pdbx_description
1 polymer "RNA (5'-R(*GP*CP*(GRB)P*GP*CP*GP*GP*CP*GP*GP*C)-3')"
2 non-polymer 'BROMIDE ION'
3 non-polymer 'SULFATE ION'
4 water water
#
_entity_poly.entity_id   1
_entity_poly.type   'polyribonucleotide'
_entity_poly.pdbx_seq_one_letter_code
;GC(GRB)GCGGCGGC
;
_entity_poly.pdbx_strand_id   A,B,C,D,E
#
loop_
_chem_comp.id
_chem_comp.type
_chem_comp.name
_chem_comp.formula
BR non-polymer 'BROMIDE ION' 'Br -1'
C RNA linking CYTIDINE-5'-MONOPHOSPHATE 'C9 H14 N3 O8 P'
G RNA linking GUANOSINE-5'-MONOPHOSPHATE 'C10 H14 N5 O8 P'
GRB RNA linking '8-bromoguanosine 5'-(dihydrogen phosphate)' 'C10 H13 Br N5 O8 P'
SO4 non-polymer 'SULFATE ION' 'O4 S -2'
#
# COMPACT_ATOMS: atom_id res chain seq x y z
P GRB A 3 6.39 -1.39 -7.38
P GRB A 3 4.19 -1.65 -7.37
BR GRB A 3 10.44 0.12 0.26
BR GRB A 3 9.37 -0.42 -0.42
N1 GRB A 3 5.21 2.19 -2.50
N1 GRB A 3 4.06 2.08 -2.56
C2 GRB A 3 5.63 1.35 -3.51
C2 GRB A 3 4.24 1.18 -3.58
N2 GRB A 3 4.84 1.31 -4.58
N2 GRB A 3 3.30 1.18 -4.53
N3 GRB A 3 6.75 0.62 -3.47
N3 GRB A 3 5.26 0.33 -3.65
C4 GRB A 3 7.42 0.79 -2.30
C4 GRB A 3 6.11 0.47 -2.61
C5 GRB A 3 7.08 1.60 -1.25
C5 GRB A 3 6.00 1.34 -1.54
C6 GRB A 3 5.90 2.38 -1.30
C6 GRB A 3 4.91 2.22 -1.46
O6 GRB A 3 5.43 3.16 -0.46
O6 GRB A 3 4.67 3.06 -0.59
N7 GRB A 3 8.01 1.52 -0.24
N7 GRB A 3 7.06 1.18 -0.65
C8 GRB A 3 8.89 0.66 -0.68
C8 GRB A 3 7.77 0.23 -1.18
N9 GRB A 3 8.61 0.19 -1.94
N9 GRB A 3 7.26 -0.24 -2.37
C1' GRB A 3 9.46 -0.79 -2.61
C1' GRB A 3 7.87 -1.31 -3.17
C2' GRB A 3 9.30 -2.16 -1.95
C2' GRB A 3 7.82 -2.64 -2.46
O2' GRB A 3 10.45 -2.96 -2.09
O2' GRB A 3 8.92 -3.45 -2.82
C3' GRB A 3 8.10 -2.69 -2.71
C3' GRB A 3 6.49 -3.18 -3.00
O3' GRB A 3 8.02 -4.11 -2.70
O3' GRB A 3 6.41 -4.59 -2.86
C4' GRB A 3 8.39 -2.22 -4.12
C4' GRB A 3 6.55 -2.75 -4.45
O4' GRB A 3 9.08 -0.97 -3.96
O4' GRB A 3 7.20 -1.45 -4.41
C5' GRB A 3 7.15 -2.04 -4.96
C5' GRB A 3 5.21 -2.62 -5.16
O5' GRB A 3 7.50 -1.80 -6.32
O5' GRB A 3 5.42 -2.19 -6.51
OP1 GRB A 3 5.22 -0.79 -6.70
OP1 GRB A 3 3.29 -0.87 -6.49
OP2 GRB A 3 6.18 -2.56 -8.27
OP2 GRB A 3 3.65 -2.77 -8.16
P GRB B 3 -7.94 -8.19 -5.16
BR GRB B 3 -14.26 -6.12 0.66
N1 GRB B 3 -8.28 -8.06 0.98
C2 GRB B 3 -8.40 -8.09 -0.40
N2 GRB B 3 -7.31 -8.46 -1.08
N3 GRB B 3 -9.50 -7.76 -1.06
C4 GRB B 3 -10.50 -7.39 -0.22
C5 GRB B 3 -10.48 -7.34 1.14
C6 GRB B 3 -9.31 -7.70 1.84
O6 GRB B 3 -9.13 -7.71 3.05
N7 GRB B 3 -11.70 -6.92 1.65
C8 GRB B 3 -12.44 -6.72 0.60
N9 GRB B 3 -11.78 -6.99 -0.58
C1' GRB B 3 -12.31 -6.85 -1.92
C2' GRB B 3 -12.53 -5.38 -2.25
O2' GRB B 3 -13.58 -5.30 -3.20
C3' GRB B 3 -11.15 -5.00 -2.79
O3' GRB B 3 -11.14 -3.85 -3.65
C4' GRB B 3 -10.89 -6.21 -3.66
O4' GRB B 3 -11.39 -7.33 -2.88
C5' GRB B 3 -9.44 -6.39 -4.03
O5' GRB B 3 -9.35 -7.58 -4.79
OP1 GRB B 3 -6.94 -7.96 -4.10
OP2 GRB B 3 -7.62 -7.74 -6.54
P GRB C 3 15.38 14.65 -10.89
P GRB C 3 15.65 16.13 -9.52
BR GRB C 3 8.24 15.36 -15.97
BR GRB C 3 8.56 16.10 -14.81
N1 GRB C 3 9.59 16.44 -9.91
N1 GRB C 3 9.68 17.14 -8.76
C2 GRB C 3 10.85 16.09 -10.32
C2 GRB C 3 10.99 16.91 -9.14
N2 GRB C 3 11.79 16.10 -9.36
N2 GRB C 3 11.91 16.99 -8.18
N3 GRB C 3 11.17 15.74 -11.56
N3 GRB C 3 11.36 16.62 -10.38
C4 GRB C 3 10.10 15.78 -12.39
C4 GRB C 3 10.31 16.58 -11.23
C5 GRB C 3 8.79 16.12 -12.07
C5 GRB C 3 8.98 16.80 -10.94
C6 GRB C 3 8.48 16.49 -10.74
C6 GRB C 3 8.59 17.10 -9.62
O6 GRB C 3 7.40 16.83 -10.25
O6 GRB C 3 7.45 17.32 -9.20
N7 GRB C 3 7.99 16.03 -13.20
N7 GRB C 3 8.20 16.67 -12.07
C8 GRB C 3 8.79 15.65 -14.17
C8 GRB C 3 9.06 16.39 -13.01
N9 GRB C 3 10.09 15.46 -13.73
N9 GRB C 3 10.36 16.32 -12.58
C1' GRB C 3 11.21 15.07 -14.58
C1' GRB C 3 11.53 16.02 -13.40
C2' GRB C 3 11.60 16.23 -15.46
C2' GRB C 3 11.87 17.19 -14.31
O2' GRB C 3 12.24 15.78 -16.64
O2' GRB C 3 12.55 16.75 -15.48
C3' GRB C 3 12.53 16.98 -14.53
C3' GRB C 3 12.77 18.01 -13.38
O3' GRB C 3 13.33 17.90 -15.25
O3' GRB C 3 13.56 18.93 -14.11
C4' GRB C 3 13.35 15.81 -14.01
C4' GRB C 3 13.61 16.90 -12.78
O4' GRB C 3 12.36 14.78 -13.78
O4' GRB C 3 12.67 15.81 -12.60
C5' GRB C 3 14.14 16.06 -12.74
C5' GRB C 3 14.28 17.23 -11.47
O5' GRB C 3 14.89 14.92 -12.38
O5' GRB C 3 15.03 16.12 -10.99
OP1 GRB C 3 14.51 15.38 -9.94
OP1 GRB C 3 14.76 16.88 -8.62
OP2 GRB C 3 16.85 14.85 -10.86
OP2 GRB C 3 17.08 16.54 -9.64
P GRB D 3 19.12 29.94 -8.47
BR GRB D 3 15.07 35.52 -3.12
N1 GRB D 3 14.07 33.22 -8.83
C2 GRB D 3 15.27 32.58 -8.62
N2 GRB D 3 15.72 31.79 -9.62
N3 GRB D 3 15.98 32.67 -7.49
C4 GRB D 3 15.40 33.50 -6.60
C5 GRB D 3 14.22 34.20 -6.74
C6 GRB D 3 13.45 34.07 -7.92
O6 GRB D 3 12.39 34.64 -8.18
N7 GRB D 3 13.93 34.94 -5.62
C8 GRB D 3 14.92 34.71 -4.82
N9 GRB D 3 15.86 33.84 -5.34
C1' GRB D 3 17.09 33.45 -4.65
C2' GRB D 3 16.85 32.61 -3.41
O2' GRB D 3 17.87 32.88 -2.46
C3' GRB D 3 16.91 31.23 -4.03
O3' GRB D 3 17.22 30.25 -3.08
C4' GRB D 3 18.05 31.37 -5.01
O4' GRB D 3 17.89 32.70 -5.54
C5' GRB D 3 18.02 30.36 -6.13
O5' GRB D 3 19.07 30.65 -7.04
OP1 GRB D 3 17.80 29.85 -9.13
OP2 GRB D 3 19.94 28.70 -8.32
P GRB E 3 -23.16 -28.14 14.66
P GRB E 3 -24.78 -28.35 16.13
BR GRB E 3 -19.83 -29.17 22.77
BR GRB E 3 -20.40 -29.33 23.76
N1 GRB E 3 -18.80 -31.67 17.13
N1 GRB E 3 -19.86 -31.66 17.98
C2 GRB E 3 -19.78 -30.80 16.74
C2 GRB E 3 -20.96 -30.86 17.74
N2 GRB E 3 -20.09 -30.82 15.43
N2 GRB E 3 -21.44 -30.89 16.49
N3 GRB E 3 -20.40 -29.96 17.56
N3 GRB E 3 -21.54 -30.11 18.66
C4 GRB E 3 -19.95 -30.08 18.84
C4 GRB E 3 -20.93 -30.19 19.86
C5 GRB E 3 -18.97 -30.93 19.32
C5 GRB E 3 -19.83 -30.96 20.19
C6 GRB E 3 -18.32 -31.81 18.42
C6 GRB E 3 -19.21 -31.76 19.21
O6 GRB E 3 -17.43 -32.64 18.68
O6 GRB E 3 -18.22 -32.49 19.34
N7 GRB E 3 -18.79 -30.76 20.69
N7 GRB E 3 -19.48 -30.78 21.52
C8 GRB E 3 -19.64 -29.83 21.00
C8 GRB E 3 -20.37 -29.94 21.96
N9 GRB E 3 -20.39 -29.36 19.94
N9 GRB E 3 -21.29 -29.54 21.03
C1' GRB E 3 -21.41 -28.32 19.98
C1' GRB E 3 -22.37 -28.59 21.24
C2' GRB E 3 -20.81 -26.94 20.20
C2' GRB E 3 -21.79 -27.18 21.39
O2' GRB E 3 -21.78 -26.10 20.80
O2' GRB E 3 -22.63 -26.33 22.13
C3' GRB E 3 -20.51 -26.53 18.77
C3' GRB E 3 -21.70 -26.77 19.92
O3' GRB E 3 -20.38 -25.13 18.63
O3' GRB E 3 -21.62 -25.36 19.78
C4' GRB E 3 -21.79 -27.00 18.10
C4' GRB E 3 -23.05 -27.28 19.43
O4' GRB E 3 -22.09 -28.27 18.74
O4' GRB E 3 -23.22 -28.55 20.11
C5' GRB E 3 -21.70 -27.22 16.60
C5' GRB E 3 -23.15 -27.49 17.94
O5' GRB E 3 -22.98 -27.61 16.14
O5' GRB E 3 -24.47 -27.81 17.59
OP1 GRB E 3 -21.89 -28.78 14.20
OP1 GRB E 3 -23.57 -29.00 15.57
OP2 GRB E 3 -23.76 -27.06 13.86
OP2 GRB E 3 -25.45 -27.26 15.37
BR BR F . 11.03 0.56 3.45
S SO4 G . -0.62 -4.94 2.82
O1 SO4 G . -0.64 -3.60 3.41
O2 SO4 G . -1.74 -5.72 3.37
O3 SO4 G . -0.77 -4.81 1.38
O4 SO4 G . 0.63 -5.61 3.15
S SO4 H . 1.89 3.19 -3.20
O1 SO4 H . 1.71 2.00 -2.39
O2 SO4 H . 3.06 3.92 -2.72
O3 SO4 H . 2.09 2.83 -4.61
O4 SO4 H . 0.71 4.05 -3.09
BR BR I . -15.11 -6.09 0.60
S SO4 J . -5.09 -9.60 2.97
O1 SO4 J . -3.95 -9.87 2.09
O2 SO4 J . -4.59 -8.92 4.16
O3 SO4 J . -6.04 -8.75 2.24
O4 SO4 J . -5.73 -10.86 3.35
S SO4 K . 9.58 17.67 -5.55
O1 SO4 K . 9.18 17.20 -4.22
O2 SO4 K . 8.55 17.33 -6.51
O3 SO4 K . 9.75 19.13 -5.53
O4 SO4 K . 10.85 17.05 -5.92
S SO4 L . 10.86 26.06 -11.62
O1 SO4 L . 10.58 25.39 -10.35
O2 SO4 L . 10.86 25.06 -12.68
O3 SO4 L . 9.82 27.05 -11.88
O4 SO4 L . 12.16 26.73 -11.56
S SO4 M . 12.83 32.10 -12.24
O1 SO4 M . 13.65 30.94 -11.90
O2 SO4 M . 13.17 32.64 -13.55
O3 SO4 M . 11.42 31.72 -12.21
O4 SO4 M . 13.10 33.13 -11.24
S SO4 N . -17.44 -33.67 15.01
O1 SO4 N . -17.63 -35.07 14.68
O2 SO4 N . -17.47 -32.86 13.79
O3 SO4 N . -18.51 -33.24 15.90
O4 SO4 N . -16.16 -33.49 15.67
S SO4 O . -12.73 -25.28 16.13
O1 SO4 O . -13.71 -26.35 16.34
O2 SO4 O . -12.80 -24.82 14.75
O3 SO4 O . -13.01 -24.17 17.03
O4 SO4 O . -11.39 -25.81 16.40
#